data_1GUG
#
_entry.id   1GUG
#
_cell.length_a   56.373
_cell.length_b   78.514
_cell.length_c   94.839
_cell.angle_alpha   90.00
_cell.angle_beta   90.00
_cell.angle_gamma   90.00
#
_symmetry.space_group_name_H-M   'C 1 2 1'
#
loop_
_entity.id
_entity.type
_entity.pdbx_description
1 polymer 'MOLYBDATE BINDING PROTEIN II'
2 non-polymer TUNGSTATE(VI)ION
3 non-polymer 'CHLORIDE ION'
4 non-polymer 'SODIUM ION'
5 water water
#
_entity_poly.entity_id   1
_entity_poly.type   'polypeptide(L)'
_entity_poly.pdbx_seq_one_letter_code
;MSISARNQLKGKVVGLKKGVVTAEVVLEIAGGNKITSIISLDSVEELGVKEGAELTAVVKSTDVMILA
;
_entity_poly.pdbx_strand_id   A,B,C,D,E,F
#
# COMPACT_ATOMS: atom_id res chain seq x y z
N SER A 2 10.95 -22.35 3.93
CA SER A 2 10.61 -21.33 2.89
C SER A 2 10.41 -19.96 3.59
N ILE A 3 11.02 -18.93 3.03
CA ILE A 3 10.99 -17.61 3.64
C ILE A 3 10.09 -16.71 2.82
N SER A 4 9.53 -15.70 3.47
CA SER A 4 8.58 -14.79 2.83
C SER A 4 9.20 -13.88 1.77
N ALA A 5 10.50 -13.62 1.86
CA ALA A 5 11.15 -12.73 0.88
C ALA A 5 10.89 -13.25 -0.53
N ARG A 6 10.27 -12.42 -1.37
CA ARG A 6 9.80 -12.89 -2.68
C ARG A 6 10.84 -12.90 -3.78
N ASN A 7 11.99 -12.30 -3.53
CA ASN A 7 13.04 -12.22 -4.54
C ASN A 7 14.18 -13.16 -4.19
N GLN A 8 14.40 -14.19 -5.00
CA GLN A 8 15.46 -15.15 -4.70
C GLN A 8 16.15 -15.49 -6.04
N LEU A 9 17.38 -15.00 -6.20
CA LEU A 9 18.09 -15.03 -7.48
C LEU A 9 19.35 -15.88 -7.44
N LYS A 10 19.31 -17.03 -8.13
CA LYS A 10 20.47 -17.94 -8.13
C LYS A 10 21.64 -17.41 -8.94
N GLY A 11 22.85 -17.56 -8.41
CA GLY A 11 24.00 -17.05 -9.14
C GLY A 11 25.32 -17.67 -8.68
N LYS A 12 26.41 -17.11 -9.19
CA LYS A 12 27.75 -17.61 -8.88
C LYS A 12 28.60 -16.43 -8.38
N VAL A 13 29.39 -16.67 -7.34
CA VAL A 13 30.23 -15.61 -6.76
C VAL A 13 31.39 -15.24 -7.68
N VAL A 14 31.44 -13.97 -8.12
CA VAL A 14 32.52 -13.48 -8.97
C VAL A 14 33.40 -12.44 -8.27
N GLY A 15 33.00 -12.03 -7.05
CA GLY A 15 33.76 -11.07 -6.27
C GLY A 15 33.49 -11.19 -4.77
N LEU A 16 34.56 -11.15 -3.96
CA LEU A 16 34.46 -11.22 -2.51
C LEU A 16 35.50 -10.26 -1.90
N LYS A 17 35.04 -9.35 -1.04
CA LYS A 17 35.91 -8.37 -0.38
C LYS A 17 35.57 -8.35 1.11
N LYS A 18 36.53 -8.70 1.96
CA LYS A 18 36.30 -8.72 3.41
C LYS A 18 36.72 -7.42 4.10
N GLY A 19 35.89 -6.92 5.01
CA GLY A 19 36.22 -5.72 5.76
C GLY A 19 36.48 -6.06 7.22
N VAL A 20 36.23 -5.10 8.10
CA VAL A 20 36.41 -5.35 9.52
C VAL A 20 35.12 -5.91 10.14
N VAL A 21 34.02 -5.23 9.83
CA VAL A 21 32.68 -5.58 10.30
C VAL A 21 31.80 -6.15 9.19
N THR A 22 31.90 -5.56 7.99
CA THR A 22 31.10 -6.03 6.84
C THR A 22 31.92 -6.72 5.76
N ALA A 23 31.23 -7.22 4.73
CA ALA A 23 31.84 -7.92 3.60
C ALA A 23 30.95 -7.74 2.38
N GLU A 24 31.58 -7.62 1.22
CA GLU A 24 30.88 -7.42 -0.04
C GLU A 24 30.96 -8.65 -0.91
N VAL A 25 29.80 -9.11 -1.41
CA VAL A 25 29.74 -10.30 -2.24
C VAL A 25 29.09 -9.89 -3.54
N VAL A 26 29.71 -10.24 -4.67
CA VAL A 26 29.15 -9.92 -6.00
C VAL A 26 28.84 -11.22 -6.73
N LEU A 27 27.58 -11.39 -7.15
CA LEU A 27 27.11 -12.61 -7.87
C LEU A 27 26.74 -12.31 -9.31
N GLU A 28 27.10 -13.20 -10.24
CA GLU A 28 26.60 -13.10 -11.60
C GLU A 28 25.36 -13.99 -11.65
N ILE A 29 24.22 -13.43 -12.09
CA ILE A 29 22.97 -14.21 -12.12
C ILE A 29 22.53 -14.50 -13.56
N ALA A 30 21.39 -15.18 -13.74
CA ALA A 30 20.93 -15.55 -15.09
C ALA A 30 20.73 -14.35 -15.98
N GLY A 31 21.01 -14.53 -17.27
CA GLY A 31 20.67 -13.49 -18.21
C GLY A 31 21.61 -12.30 -18.26
N GLY A 32 22.79 -12.43 -17.65
CA GLY A 32 23.80 -11.38 -17.73
C GLY A 32 23.75 -10.26 -16.70
N ASN A 33 22.99 -10.42 -15.63
CA ASN A 33 22.88 -9.40 -14.59
C ASN A 33 23.84 -9.67 -13.43
N LYS A 34 24.16 -8.64 -12.65
CA LYS A 34 25.01 -8.80 -11.46
C LYS A 34 24.34 -8.23 -10.23
N ILE A 35 24.51 -8.90 -9.10
CA ILE A 35 23.95 -8.48 -7.82
C ILE A 35 25.09 -8.24 -6.82
N THR A 36 25.01 -7.12 -6.09
CA THR A 36 25.99 -6.80 -5.07
C THR A 36 25.31 -6.79 -3.70
N SER A 37 25.90 -7.53 -2.76
CA SER A 37 25.38 -7.68 -1.41
C SER A 37 26.40 -7.24 -0.36
N ILE A 38 25.97 -6.44 0.63
CA ILE A 38 26.83 -6.11 1.78
C ILE A 38 26.19 -6.71 3.03
N ILE A 39 26.89 -7.67 3.64
CA ILE A 39 26.41 -8.42 4.82
C ILE A 39 27.51 -8.43 5.88
N SER A 40 27.28 -9.09 7.01
CA SER A 40 28.31 -9.20 8.04
C SER A 40 29.49 -10.10 7.61
N LEU A 41 30.68 -9.73 8.05
CA LEU A 41 31.84 -10.57 7.87
C LEU A 41 31.59 -11.92 8.56
N ASP A 42 30.94 -11.92 9.72
CA ASP A 42 30.68 -13.18 10.41
C ASP A 42 29.90 -14.18 9.56
N SER A 43 28.83 -13.71 8.91
CA SER A 43 28.04 -14.58 8.05
C SER A 43 28.82 -15.10 6.82
N VAL A 44 29.64 -14.23 6.20
CA VAL A 44 30.48 -14.68 5.08
C VAL A 44 31.37 -15.86 5.51
N GLU A 45 31.91 -15.80 6.72
CA GLU A 45 32.84 -16.84 7.18
C GLU A 45 32.08 -18.10 7.60
N GLU A 46 30.98 -17.92 8.32
CA GLU A 46 30.18 -19.07 8.75
C GLU A 46 29.53 -19.81 7.56
N LEU A 47 29.25 -19.09 6.46
CA LEU A 47 28.63 -19.69 5.28
C LEU A 47 29.62 -20.33 4.29
N GLY A 48 30.90 -20.07 4.46
CA GLY A 48 31.92 -20.65 3.60
C GLY A 48 31.97 -19.99 2.25
N VAL A 49 31.49 -18.73 2.19
CA VAL A 49 31.47 -17.98 0.93
C VAL A 49 32.85 -17.83 0.36
N LYS A 50 33.00 -18.25 -0.89
CA LYS A 50 34.24 -18.16 -1.63
C LYS A 50 33.96 -17.88 -3.11
N GLU A 51 34.94 -17.33 -3.80
CA GLU A 51 34.84 -17.14 -5.22
C GLU A 51 34.52 -18.48 -5.90
N GLY A 52 33.59 -18.46 -6.86
CA GLY A 52 33.14 -19.69 -7.52
C GLY A 52 31.96 -20.42 -6.88
N ALA A 53 31.65 -20.11 -5.63
CA ALA A 53 30.50 -20.75 -5.00
C ALA A 53 29.18 -20.43 -5.71
N GLU A 54 28.25 -21.39 -5.66
CA GLU A 54 26.90 -21.20 -6.20
C GLU A 54 25.94 -20.89 -5.04
N LEU A 55 25.42 -19.67 -5.00
CA LEU A 55 24.57 -19.20 -3.90
C LEU A 55 23.37 -18.42 -4.45
N THR A 56 22.43 -18.07 -3.57
CA THR A 56 21.23 -17.33 -3.95
C THR A 56 21.21 -15.95 -3.25
N ALA A 57 20.91 -14.87 -3.98
CA ALA A 57 20.72 -13.51 -3.37
C ALA A 57 19.25 -13.39 -3.02
N VAL A 58 18.97 -12.86 -1.84
CA VAL A 58 17.60 -12.78 -1.34
C VAL A 58 17.27 -11.34 -0.95
N VAL A 59 16.13 -10.83 -1.43
CA VAL A 59 15.71 -9.45 -1.12
C VAL A 59 14.21 -9.38 -0.76
N LYS A 60 13.89 -8.68 0.33
CA LYS A 60 12.51 -8.50 0.76
C LYS A 60 11.78 -7.53 -0.19
N SER A 61 10.52 -7.80 -0.55
CA SER A 61 9.78 -7.00 -1.55
C SER A 61 9.72 -5.53 -1.21
N THR A 62 9.62 -5.25 0.08
CA THR A 62 9.50 -3.87 0.58
C THR A 62 10.79 -3.06 0.49
N ASP A 63 11.88 -3.68 0.06
CA ASP A 63 13.15 -2.98 -0.12
C ASP A 63 13.45 -2.72 -1.63
N VAL A 64 12.54 -3.09 -2.53
CA VAL A 64 12.76 -2.89 -3.98
C VAL A 64 12.04 -1.63 -4.49
N MET A 65 12.77 -0.70 -5.08
CA MET A 65 12.21 0.54 -5.64
C MET A 65 12.04 0.39 -7.17
N ILE A 66 11.26 1.29 -7.79
CA ILE A 66 11.06 1.28 -9.25
C ILE A 66 11.58 2.56 -9.88
N LEU A 67 12.38 2.43 -10.95
CA LEU A 67 12.92 3.58 -11.69
C LEU A 67 12.35 3.64 -13.12
N ALA A 68 11.74 4.79 -13.44
CA ALA A 68 11.13 4.97 -14.76
C ALA A 68 11.85 6.06 -15.50
N SER B 2 11.27 9.77 -12.62
CA SER B 2 12.44 9.48 -11.75
C SER B 2 12.27 8.14 -11.02
N ILE B 3 12.54 8.14 -9.71
CA ILE B 3 12.48 6.91 -8.89
C ILE B 3 11.32 6.94 -7.85
N SER B 4 10.82 5.76 -7.47
CA SER B 4 9.70 5.67 -6.51
C SER B 4 10.00 6.19 -5.09
N ALA B 5 11.27 6.23 -4.72
CA ALA B 5 11.65 6.71 -3.40
C ALA B 5 11.19 8.16 -3.24
N ARG B 6 10.27 8.39 -2.31
CA ARG B 6 9.60 9.71 -2.18
C ARG B 6 10.39 10.77 -1.44
N ASN B 7 11.47 10.40 -0.76
CA ASN B 7 12.27 11.32 0.03
C ASN B 7 13.54 11.64 -0.71
N GLN B 8 13.66 12.89 -1.15
CA GLN B 8 14.82 13.35 -1.91
C GLN B 8 15.19 14.74 -1.39
N LEU B 9 16.30 14.79 -0.64
CA LEU B 9 16.70 15.98 0.11
C LEU B 9 18.03 16.51 -0.40
N LYS B 10 18.04 17.74 -0.91
CA LYS B 10 19.26 18.30 -1.48
C LYS B 10 20.19 18.89 -0.44
N GLY B 11 21.49 18.74 -0.60
CA GLY B 11 22.41 19.29 0.38
C GLY B 11 23.84 19.38 -0.09
N LYS B 12 24.74 19.74 0.82
CA LYS B 12 26.16 19.85 0.52
C LYS B 12 26.94 18.91 1.46
N VAL B 13 27.96 18.25 0.93
CA VAL B 13 28.77 17.30 1.70
C VAL B 13 29.65 18.03 2.70
N VAL B 14 29.45 17.73 3.98
CA VAL B 14 30.27 18.33 5.03
C VAL B 14 31.16 17.30 5.75
N GLY B 15 30.99 16.02 5.41
CA GLY B 15 31.78 14.97 6.03
C GLY B 15 31.91 13.78 5.08
N LEU B 16 33.07 13.15 5.08
CA LEU B 16 33.33 11.98 4.27
C LEU B 16 34.34 11.10 4.99
N LYS B 17 34.02 9.82 5.18
CA LYS B 17 34.92 8.89 5.85
C LYS B 17 34.92 7.57 5.08
N LYS B 18 36.09 7.14 4.60
CA LYS B 18 36.16 5.93 3.78
C LYS B 18 36.63 4.70 4.55
N GLY B 19 35.88 3.59 4.41
CA GLY B 19 36.19 2.33 5.07
C GLY B 19 36.87 1.31 4.16
N VAL B 20 36.67 0.01 4.42
CA VAL B 20 37.19 -1.05 3.55
C VAL B 20 36.09 -1.50 2.57
N VAL B 21 34.89 -1.71 3.12
CA VAL B 21 33.71 -2.12 2.33
C VAL B 21 32.69 -1.00 2.22
N THR B 22 32.51 -0.23 3.31
CA THR B 22 31.53 0.87 3.31
C THR B 22 32.19 2.24 3.41
N ALA B 23 31.38 3.27 3.25
CA ALA B 23 31.84 4.66 3.41
C ALA B 23 30.68 5.48 3.99
N GLU B 24 31.03 6.50 4.77
CA GLU B 24 30.04 7.39 5.39
C GLU B 24 30.07 8.77 4.73
N VAL B 25 28.89 9.26 4.35
CA VAL B 25 28.72 10.59 3.75
C VAL B 25 27.77 11.41 4.63
N VAL B 26 28.17 12.64 5.00
CA VAL B 26 27.29 13.50 5.77
C VAL B 26 26.95 14.75 4.93
N LEU B 27 25.65 15.02 4.79
CA LEU B 27 25.13 16.16 4.02
C LEU B 27 24.43 17.15 4.92
N GLU B 28 24.68 18.44 4.69
CA GLU B 28 23.96 19.47 5.43
C GLU B 28 22.82 19.90 4.53
N ILE B 29 21.59 19.81 5.02
CA ILE B 29 20.43 20.16 4.21
C ILE B 29 19.72 21.39 4.81
N ALA B 30 18.53 21.70 4.29
CA ALA B 30 17.79 22.86 4.81
C ALA B 30 17.62 22.93 6.33
N GLY B 31 17.73 24.14 6.87
CA GLY B 31 17.63 24.37 8.30
C GLY B 31 18.88 23.95 9.04
N GLY B 32 19.90 23.48 8.31
CA GLY B 32 21.13 23.05 8.93
C GLY B 32 21.09 21.65 9.49
N ASN B 33 20.03 20.90 9.15
CA ASN B 33 19.93 19.50 9.55
C ASN B 33 21.04 18.71 8.85
N LYS B 34 21.48 17.65 9.48
CA LYS B 34 22.54 16.83 8.93
C LYS B 34 22.00 15.44 8.62
N ILE B 35 22.23 14.99 7.38
CA ILE B 35 21.84 13.63 6.97
C ILE B 35 23.08 12.77 6.87
N THR B 36 23.05 11.60 7.52
CA THR B 36 24.16 10.64 7.49
C THR B 36 23.79 9.41 6.67
N SER B 37 24.66 9.07 5.72
CA SER B 37 24.44 7.93 4.81
C SER B 37 25.61 6.95 4.86
N ILE B 38 25.33 5.65 4.94
CA ILE B 38 26.38 4.64 4.86
C ILE B 38 26.09 3.79 3.65
N ILE B 39 26.99 3.85 2.66
CA ILE B 39 26.85 3.17 1.37
C ILE B 39 28.15 2.41 1.07
N SER B 40 28.26 1.80 -0.11
CA SER B 40 29.49 1.08 -0.45
C SER B 40 30.63 2.04 -0.78
N LEU B 41 31.85 1.61 -0.47
CA LEU B 41 33.02 2.37 -0.83
C LEU B 41 33.07 2.50 -2.39
N ASP B 42 32.73 1.43 -3.10
CA ASP B 42 32.73 1.47 -4.56
C ASP B 42 31.87 2.60 -5.14
N SER B 43 30.67 2.79 -4.59
CA SER B 43 29.80 3.86 -5.08
C SER B 43 30.34 5.25 -4.75
N VAL B 44 30.89 5.44 -3.55
CA VAL B 44 31.47 6.75 -3.20
C VAL B 44 32.57 7.12 -4.20
N GLU B 45 33.39 6.13 -4.54
CA GLU B 45 34.47 6.37 -5.48
C GLU B 45 33.95 6.63 -6.88
N GLU B 46 33.06 5.77 -7.36
CA GLU B 46 32.51 5.94 -8.72
C GLU B 46 31.72 7.24 -8.94
N LEU B 47 31.07 7.74 -7.90
CA LEU B 47 30.29 8.97 -8.02
C LEU B 47 31.17 10.19 -7.73
N GLY B 48 32.43 9.96 -7.38
CA GLY B 48 33.37 11.03 -7.11
C GLY B 48 33.00 11.94 -5.96
N VAL B 49 32.44 11.37 -4.89
CA VAL B 49 32.04 12.18 -3.76
C VAL B 49 33.20 12.93 -3.07
N LYS B 50 33.00 14.22 -2.83
CA LYS B 50 34.02 15.03 -2.19
C LYS B 50 33.43 16.09 -1.27
N GLU B 51 34.23 16.55 -0.31
CA GLU B 51 33.79 17.59 0.60
C GLU B 51 33.39 18.84 -0.18
N GLY B 52 32.19 19.32 0.08
CA GLY B 52 31.68 20.49 -0.61
C GLY B 52 30.81 20.20 -1.82
N ALA B 53 30.78 18.94 -2.26
CA ALA B 53 29.96 18.59 -3.42
C ALA B 53 28.46 18.75 -3.12
N GLU B 54 27.69 19.10 -4.13
CA GLU B 54 26.25 19.25 -3.98
C GLU B 54 25.52 17.99 -4.47
N LEU B 55 24.98 17.24 -3.52
CA LEU B 55 24.31 15.96 -3.79
C LEU B 55 22.93 15.86 -3.14
N THR B 56 22.23 14.77 -3.42
CA THR B 56 20.90 14.55 -2.88
C THR B 56 20.85 13.23 -2.13
N ALA B 57 20.25 13.22 -0.94
CA ALA B 57 20.05 12.03 -0.13
C ALA B 57 18.70 11.42 -0.48
N VAL B 58 18.65 10.11 -0.66
CA VAL B 58 17.38 9.47 -1.04
C VAL B 58 16.96 8.37 -0.07
N VAL B 59 15.68 8.37 0.31
CA VAL B 59 15.21 7.39 1.29
C VAL B 59 13.87 6.80 0.87
N LYS B 60 13.74 5.47 0.89
CA LYS B 60 12.45 4.84 0.58
C LYS B 60 11.45 5.08 1.74
N SER B 61 10.18 5.39 1.43
CA SER B 61 9.17 5.72 2.43
C SER B 61 9.00 4.64 3.51
N THR B 62 9.16 3.38 3.12
CA THR B 62 8.99 2.27 4.06
C THR B 62 10.14 2.12 5.06
N ASP B 63 11.17 2.94 4.90
CA ASP B 63 12.29 2.94 5.86
C ASP B 63 12.23 4.14 6.84
N VAL B 64 11.16 4.94 6.75
CA VAL B 64 11.02 6.09 7.66
C VAL B 64 10.08 5.83 8.85
N MET B 65 10.60 6.00 10.07
CA MET B 65 9.83 5.79 11.28
C MET B 65 9.33 7.13 11.82
N ILE B 66 8.34 7.08 12.71
CA ILE B 66 7.81 8.31 13.34
C ILE B 66 8.02 8.30 14.87
N LEU B 67 8.51 9.41 15.41
CA LEU B 67 8.80 9.53 16.84
C LEU B 67 7.87 10.57 17.46
N ALA B 68 7.07 10.18 18.47
CA ALA B 68 6.19 11.13 19.16
C ALA B 68 6.71 11.53 20.54
N SER C 2 8.85 6.25 22.53
CA SER C 2 7.57 6.43 21.79
C SER C 2 7.86 6.59 20.30
N ILE C 3 8.48 5.54 19.75
CA ILE C 3 8.79 5.52 18.33
C ILE C 3 7.87 4.48 17.69
N SER C 4 7.57 4.65 16.40
CA SER C 4 6.67 3.72 15.68
C SER C 4 7.18 2.27 15.53
N ALA C 5 8.50 2.09 15.55
CA ALA C 5 9.10 0.75 15.40
C ALA C 5 8.56 -0.23 16.46
N ARG C 6 7.83 -1.25 16.03
CA ARG C 6 7.10 -2.11 16.97
C ARG C 6 7.90 -3.17 17.72
N ASN C 7 9.15 -3.35 17.32
CA ASN C 7 9.99 -4.39 17.89
C ASN C 7 11.07 -3.77 18.76
N GLN C 8 10.95 -3.98 20.07
CA GLN C 8 11.88 -3.39 21.03
C GLN C 8 12.23 -4.47 22.07
N LEU C 9 13.47 -4.95 22.02
CA LEU C 9 13.89 -6.09 22.84
C LEU C 9 15.07 -5.77 23.74
N LYS C 10 14.84 -5.95 25.04
CA LYS C 10 15.82 -5.63 26.07
C LYS C 10 16.86 -6.72 26.22
N GLY C 11 18.12 -6.34 26.37
CA GLY C 11 19.18 -7.32 26.51
C GLY C 11 20.48 -6.76 27.06
N LYS C 12 21.48 -7.62 27.17
CA LYS C 12 22.80 -7.25 27.71
C LYS C 12 23.90 -7.45 26.64
N VAL C 13 24.78 -6.46 26.49
CA VAL C 13 25.85 -6.59 25.51
C VAL C 13 26.83 -7.69 25.85
N VAL C 14 26.95 -8.66 24.95
CA VAL C 14 27.89 -9.77 25.09
C VAL C 14 28.98 -9.75 24.00
N GLY C 15 28.85 -8.87 23.00
CA GLY C 15 29.84 -8.80 21.94
C GLY C 15 29.91 -7.40 21.36
N LEU C 16 31.12 -6.98 21.01
CA LEU C 16 31.30 -5.65 20.42
C LEU C 16 32.54 -5.63 19.53
N LYS C 17 32.38 -5.15 18.29
CA LYS C 17 33.50 -5.07 17.33
C LYS C 17 33.45 -3.75 16.58
N LYS C 18 34.52 -2.97 16.66
CA LYS C 18 34.56 -1.64 16.07
C LYS C 18 35.32 -1.61 14.75
N GLY C 19 34.64 -1.26 13.66
CA GLY C 19 35.34 -1.11 12.38
C GLY C 19 35.82 0.31 12.10
N VAL C 20 35.91 0.67 10.83
CA VAL C 20 36.32 2.01 10.45
C VAL C 20 35.06 2.90 10.32
N VAL C 21 34.02 2.36 9.68
CA VAL C 21 32.76 3.09 9.43
C VAL C 21 31.59 2.53 10.21
N THR C 22 31.53 1.20 10.33
CA THR C 22 30.46 0.51 11.07
C THR C 22 30.97 -0.19 12.32
N ALA C 23 30.03 -0.69 13.11
CA ALA C 23 30.40 -1.43 14.32
C ALA C 23 29.34 -2.49 14.53
N GLU C 24 29.74 -3.62 15.13
CA GLU C 24 28.81 -4.72 15.41
C GLU C 24 28.55 -4.82 16.93
N VAL C 25 27.26 -4.82 17.30
CA VAL C 25 26.83 -4.99 18.70
C VAL C 25 26.01 -6.27 18.80
N VAL C 26 26.36 -7.18 19.73
CA VAL C 26 25.61 -8.41 19.93
C VAL C 26 24.96 -8.38 21.32
N LEU C 27 23.63 -8.51 21.38
CA LEU C 27 22.87 -8.54 22.64
C LEU C 27 22.27 -9.92 22.98
N GLU C 28 22.32 -10.31 24.25
CA GLU C 28 21.65 -11.55 24.70
C GLU C 28 20.32 -11.10 25.31
N ILE C 29 19.20 -11.57 24.77
CA ILE C 29 17.89 -11.16 25.30
C ILE C 29 17.26 -12.34 26.03
N ALA C 30 15.97 -12.24 26.39
CA ALA C 30 15.26 -13.32 27.11
C ALA C 30 15.40 -14.69 26.42
N GLY C 31 15.56 -15.74 27.22
CA GLY C 31 15.63 -17.11 26.72
C GLY C 31 16.97 -17.50 26.15
N GLY C 32 17.94 -16.59 26.22
CA GLY C 32 19.26 -16.84 25.68
C GLY C 32 19.44 -16.49 24.21
N ASN C 33 18.41 -15.92 23.57
CA ASN C 33 18.52 -15.54 22.15
C ASN C 33 19.59 -14.45 21.96
N LYS C 34 20.24 -14.44 20.80
CA LYS C 34 21.23 -13.38 20.54
C LYS C 34 20.77 -12.51 19.36
N ILE C 35 20.86 -11.20 19.56
CA ILE C 35 20.52 -10.21 18.54
C ILE C 35 21.80 -9.55 18.06
N THR C 36 22.00 -9.49 16.75
CA THR C 36 23.18 -8.87 16.16
C THR C 36 22.76 -7.60 15.41
N SER C 37 23.44 -6.51 15.70
CA SER C 37 23.15 -5.23 15.09
C SER C 37 24.41 -4.64 14.42
N ILE C 38 24.28 -4.13 13.20
CA ILE C 38 25.36 -3.40 12.55
C ILE C 38 24.89 -1.96 12.35
N ILE C 39 25.58 -1.04 13.03
CA ILE C 39 25.24 0.39 13.04
C ILE C 39 26.51 1.22 12.77
N SER C 40 26.39 2.54 12.82
CA SER C 40 27.59 3.38 12.61
C SER C 40 28.55 3.36 13.81
N LEU C 41 29.84 3.44 13.53
CA LEU C 41 30.85 3.56 14.58
C LEU C 41 30.55 4.82 15.41
N ASP C 42 30.15 5.89 14.73
CA ASP C 42 29.87 7.15 15.43
C ASP C 42 28.82 6.96 16.53
N SER C 43 27.75 6.23 16.22
CA SER C 43 26.70 6.00 17.21
C SER C 43 27.15 5.10 18.36
N VAL C 44 28.03 4.14 18.07
CA VAL C 44 28.51 3.27 19.13
C VAL C 44 29.36 4.06 20.14
N GLU C 45 30.08 5.04 19.64
CA GLU C 45 30.92 5.87 20.50
C GLU C 45 30.09 6.92 21.27
N GLU C 46 29.18 7.60 20.58
CA GLU C 46 28.34 8.63 21.23
C GLU C 46 27.38 8.05 22.26
N LEU C 47 26.93 6.82 22.01
CA LEU C 47 26.07 6.15 22.98
C LEU C 47 26.87 5.54 24.13
N GLY C 48 28.19 5.40 23.95
CA GLY C 48 29.04 4.83 24.99
C GLY C 48 28.79 3.36 25.19
N VAL C 49 28.50 2.64 24.10
CA VAL C 49 28.25 1.22 24.19
C VAL C 49 29.47 0.45 24.69
N LYS C 50 29.24 -0.48 25.61
CA LYS C 50 30.30 -1.32 26.17
C LYS C 50 29.74 -2.67 26.60
N GLU C 51 30.61 -3.67 26.62
CA GLU C 51 30.27 -5.03 27.04
C GLU C 51 29.69 -4.98 28.44
N GLY C 52 28.59 -5.68 28.66
CA GLY C 52 27.95 -5.69 29.96
C GLY C 52 26.81 -4.68 30.12
N ALA C 53 26.75 -3.70 29.24
CA ALA C 53 25.69 -2.68 29.28
C ALA C 53 24.31 -3.24 28.92
N GLU C 54 23.29 -2.66 29.55
CA GLU C 54 21.91 -3.05 29.31
C GLU C 54 21.27 -2.08 28.32
N LEU C 55 20.94 -2.58 27.12
CA LEU C 55 20.37 -1.75 26.07
C LEU C 55 19.19 -2.46 25.38
N THR C 56 18.58 -1.79 24.41
CA THR C 56 17.42 -2.37 23.73
C THR C 56 17.64 -2.41 22.21
N ALA C 57 17.33 -3.53 21.58
CA ALA C 57 17.37 -3.64 20.10
C ALA C 57 16.04 -3.15 19.55
N VAL C 58 16.08 -2.35 18.49
CA VAL C 58 14.86 -1.82 17.87
C VAL C 58 14.82 -2.19 16.37
N VAL C 59 13.70 -2.76 15.92
CA VAL C 59 13.53 -3.15 14.51
C VAL C 59 12.15 -2.71 14.00
N LYS C 60 12.14 -2.09 12.82
CA LYS C 60 10.91 -1.65 12.13
C LYS C 60 10.13 -2.88 11.59
N SER C 61 8.79 -2.86 11.71
CA SER C 61 7.99 -4.03 11.31
C SER C 61 8.17 -4.45 9.85
N THR C 62 8.34 -3.46 8.98
CA THR C 62 8.51 -3.72 7.56
C THR C 62 9.86 -4.39 7.20
N ASP C 63 10.76 -4.54 8.15
CA ASP C 63 12.06 -5.20 7.93
C ASP C 63 12.10 -6.66 8.43
N VAL C 64 11.01 -7.13 9.04
CA VAL C 64 10.94 -8.50 9.59
C VAL C 64 10.29 -9.49 8.63
N MET C 65 11.03 -10.54 8.30
CA MET C 65 10.50 -11.58 7.40
C MET C 65 10.02 -12.78 8.22
N ILE C 66 9.29 -13.68 7.57
CA ILE C 66 8.77 -14.89 8.23
C ILE C 66 9.35 -16.12 7.54
N LEU C 67 9.79 -17.10 8.33
CA LEU C 67 10.41 -18.30 7.79
C LEU C 67 9.62 -19.51 8.20
N ALA C 68 9.33 -20.32 7.17
CA ALA C 68 8.63 -21.59 7.20
C ALA C 68 7.22 -21.52 7.77
N SER D 2 -28.29 25.05 -7.83
CA SER D 2 -29.33 24.24 -7.13
C SER D 2 -29.51 22.93 -7.90
N ILE D 3 -29.51 21.81 -7.19
CA ILE D 3 -29.66 20.51 -7.83
C ILE D 3 -31.04 19.95 -7.53
N SER D 4 -31.55 19.11 -8.42
CA SER D 4 -32.90 18.57 -8.30
C SER D 4 -33.06 17.58 -7.14
N ALA D 5 -31.97 16.95 -6.71
CA ALA D 5 -32.07 15.98 -5.60
C ALA D 5 -32.74 16.62 -4.37
N ARG D 6 -33.86 16.07 -3.93
CA ARG D 6 -34.69 16.72 -2.91
C ARG D 6 -34.25 16.50 -1.48
N ASN D 7 -33.31 15.59 -1.26
CA ASN D 7 -32.87 15.30 0.10
C ASN D 7 -31.47 15.84 0.32
N GLN D 8 -31.36 16.84 1.18
CA GLN D 8 -30.06 17.46 1.45
C GLN D 8 -29.93 17.61 2.96
N LEU D 9 -29.06 16.80 3.56
CA LEU D 9 -28.94 16.73 5.02
C LEU D 9 -27.59 17.21 5.56
N LYS D 10 -27.58 18.33 6.28
CA LYS D 10 -26.31 18.86 6.80
C LYS D 10 -25.79 18.06 7.99
N GLY D 11 -24.48 17.80 8.00
CA GLY D 11 -23.93 17.03 9.11
C GLY D 11 -22.44 17.25 9.31
N LYS D 12 -21.87 16.44 10.19
CA LYS D 12 -20.44 16.50 10.52
C LYS D 12 -19.82 15.10 10.32
N VAL D 13 -18.66 15.03 9.69
CA VAL D 13 -18.01 13.72 9.45
C VAL D 13 -17.52 13.09 10.77
N VAL D 14 -18.03 11.91 11.12
CA VAL D 14 -17.58 11.18 12.32
C VAL D 14 -16.85 9.88 11.98
N GLY D 15 -16.83 9.51 10.69
CA GLY D 15 -16.15 8.31 10.26
C GLY D 15 -15.68 8.41 8.81
N LEU D 16 -14.46 7.97 8.53
CA LEU D 16 -13.89 7.98 7.19
C LEU D 16 -13.02 6.73 6.98
N LYS D 17 -13.32 5.93 5.95
CA LYS D 17 -12.56 4.71 5.64
C LYS D 17 -12.25 4.69 4.14
N LYS D 18 -10.97 4.72 3.80
CA LYS D 18 -10.56 4.73 2.39
C LYS D 18 -10.28 3.34 1.84
N GLY D 19 -10.74 3.06 0.61
CA GLY D 19 -10.47 1.77 0.01
C GLY D 19 -9.55 1.92 -1.18
N VAL D 20 -9.66 1.01 -2.14
CA VAL D 20 -8.83 1.10 -3.34
C VAL D 20 -9.53 1.95 -4.39
N VAL D 21 -10.81 1.66 -4.60
CA VAL D 21 -11.68 2.33 -5.58
C VAL D 21 -12.73 3.19 -4.91
N THR D 22 -13.33 2.67 -3.81
CA THR D 22 -14.35 3.42 -3.08
C THR D 22 -13.88 3.90 -1.70
N ALA D 23 -14.76 4.64 -1.02
CA ALA D 23 -14.48 5.22 0.29
C ALA D 23 -15.82 5.38 1.00
N GLU D 24 -15.81 5.16 2.33
CA GLU D 24 -17.01 5.25 3.16
C GLU D 24 -16.97 6.48 4.08
N VAL D 25 -18.03 7.28 4.05
CA VAL D 25 -18.13 8.48 4.86
C VAL D 25 -19.35 8.37 5.75
N VAL D 26 -19.16 8.58 7.06
CA VAL D 26 -20.27 8.54 8.00
C VAL D 26 -20.45 9.94 8.61
N LEU D 27 -21.67 10.46 8.50
CA LEU D 27 -22.00 11.81 9.00
C LEU D 27 -23.02 11.73 10.13
N GLU D 28 -22.84 12.58 11.16
CA GLU D 28 -23.85 12.72 12.19
C GLU D 28 -24.69 13.92 11.80
N ILE D 29 -26.00 13.73 11.69
CA ILE D 29 -26.88 14.84 11.29
C ILE D 29 -27.79 15.28 12.45
N ALA D 30 -28.63 16.29 12.21
CA ALA D 30 -29.50 16.83 13.26
C ALA D 30 -30.45 15.79 13.84
N GLY D 31 -30.82 15.95 15.11
CA GLY D 31 -31.75 15.00 15.71
C GLY D 31 -31.15 13.67 16.15
N GLY D 32 -29.83 13.53 16.05
CA GLY D 32 -29.22 12.28 16.49
C GLY D 32 -29.26 11.14 15.48
N ASN D 33 -29.45 11.45 14.20
CA ASN D 33 -29.39 10.43 13.13
C ASN D 33 -28.00 10.35 12.50
N LYS D 34 -27.72 9.22 11.85
CA LYS D 34 -26.44 8.98 11.21
C LYS D 34 -26.65 8.60 9.74
N ILE D 35 -25.82 9.13 8.83
CA ILE D 35 -25.90 8.82 7.40
C ILE D 35 -24.58 8.20 6.93
N THR D 36 -24.67 7.11 6.16
CA THR D 36 -23.51 6.43 5.62
C THR D 36 -23.51 6.54 4.09
N SER D 37 -22.38 6.97 3.54
CA SER D 37 -22.23 7.20 2.10
C SER D 37 -21.05 6.41 1.55
N ILE D 38 -21.23 5.73 0.41
CA ILE D 38 -20.11 5.09 -0.27
C ILE D 38 -19.97 5.75 -1.64
N ILE D 39 -18.84 6.43 -1.84
CA ILE D 39 -18.55 7.20 -3.07
C ILE D 39 -17.15 6.84 -3.56
N SER D 40 -16.69 7.48 -4.64
CA SER D 40 -15.34 7.22 -5.12
C SER D 40 -14.24 7.74 -4.19
N LEU D 41 -13.14 7.01 -4.12
CA LEU D 41 -11.95 7.49 -3.42
C LEU D 41 -11.49 8.80 -4.06
N ASP D 42 -11.56 8.90 -5.38
CA ASP D 42 -11.13 10.14 -6.03
C ASP D 42 -11.89 11.38 -5.53
N SER D 43 -13.21 11.28 -5.40
CA SER D 43 -13.98 12.42 -4.90
C SER D 43 -13.67 12.77 -3.42
N VAL D 44 -13.48 11.76 -2.57
CA VAL D 44 -13.11 12.01 -1.17
C VAL D 44 -11.81 12.83 -1.11
N GLU D 45 -10.87 12.51 -1.99
CA GLU D 45 -9.58 13.19 -1.96
C GLU D 45 -9.67 14.58 -2.60
N GLU D 46 -10.41 14.70 -3.70
CA GLU D 46 -10.58 15.98 -4.35
C GLU D 46 -11.40 16.97 -3.49
N LEU D 47 -12.34 16.46 -2.69
CA LEU D 47 -13.16 17.32 -1.83
C LEU D 47 -12.49 17.69 -0.50
N GLY D 48 -11.40 17.00 -0.17
CA GLY D 48 -10.70 17.25 1.08
C GLY D 48 -11.46 16.77 2.30
N VAL D 49 -12.26 15.70 2.15
CA VAL D 49 -13.02 15.09 3.25
C VAL D 49 -12.08 14.57 4.36
N LYS D 50 -12.34 15.02 5.59
CA LYS D 50 -11.61 14.59 6.78
C LYS D 50 -12.59 14.51 7.96
N GLU D 51 -12.24 13.73 8.98
CA GLU D 51 -13.06 13.68 10.18
C GLU D 51 -13.17 15.10 10.74
N GLY D 52 -14.35 15.45 11.23
CA GLY D 52 -14.61 16.81 11.71
C GLY D 52 -15.15 17.79 10.66
N ALA D 53 -15.03 17.48 9.38
CA ALA D 53 -15.57 18.37 8.35
C ALA D 53 -17.10 18.52 8.42
N GLU D 54 -17.60 19.71 8.07
CA GLU D 54 -19.04 19.97 7.98
C GLU D 54 -19.46 19.90 6.52
N LEU D 55 -20.22 18.87 6.17
CA LEU D 55 -20.63 18.60 4.79
C LEU D 55 -22.11 18.24 4.74
N THR D 56 -22.63 18.07 3.53
CA THR D 56 -24.04 17.78 3.31
C THR D 56 -24.21 16.44 2.56
N ALA D 57 -25.08 15.55 3.04
CA ALA D 57 -25.38 14.31 2.32
C ALA D 57 -26.54 14.56 1.37
N VAL D 58 -26.42 14.06 0.15
CA VAL D 58 -27.43 14.31 -0.88
C VAL D 58 -27.97 12.98 -1.47
N VAL D 59 -29.30 12.85 -1.51
CA VAL D 59 -29.96 11.64 -2.07
C VAL D 59 -31.07 12.00 -3.04
N LYS D 60 -31.08 11.38 -4.22
CA LYS D 60 -32.16 11.58 -5.19
C LYS D 60 -33.47 10.92 -4.68
N SER D 61 -34.63 11.58 -4.89
CA SER D 61 -35.92 11.08 -4.35
C SER D 61 -36.27 9.65 -4.77
N THR D 62 -35.87 9.31 -5.99
CA THR D 62 -36.18 8.01 -6.58
C THR D 62 -35.35 6.88 -6.02
N ASP D 63 -34.39 7.17 -5.14
CA ASP D 63 -33.60 6.16 -4.47
C ASP D 63 -34.06 5.92 -3.00
N VAL D 64 -35.12 6.59 -2.56
CA VAL D 64 -35.56 6.46 -1.14
C VAL D 64 -36.76 5.50 -1.05
N MET D 65 -36.62 4.42 -0.29
CA MET D 65 -37.72 3.46 -0.08
C MET D 65 -38.46 3.77 1.23
N ILE D 66 -39.63 3.15 1.40
CA ILE D 66 -40.45 3.30 2.63
C ILE D 66 -40.65 1.96 3.35
N LEU D 67 -40.36 1.92 4.65
CA LEU D 67 -40.52 0.70 5.45
C LEU D 67 -41.63 0.88 6.48
N ALA D 68 -42.57 -0.06 6.49
CA ALA D 68 -43.64 -0.04 7.46
C ALA D 68 -43.71 -1.41 8.09
N SER E 2 -44.10 -5.01 4.40
CA SER E 2 -42.68 -4.85 4.80
C SER E 2 -42.11 -3.54 4.26
N ILE E 3 -41.32 -3.66 3.20
CA ILE E 3 -40.69 -2.49 2.55
C ILE E 3 -41.27 -2.27 1.12
N SER E 4 -41.22 -1.03 0.62
CA SER E 4 -41.74 -0.68 -0.71
C SER E 4 -41.05 -1.36 -1.91
N ALA E 5 -39.80 -1.76 -1.72
CA ALA E 5 -39.05 -2.39 -2.79
C ALA E 5 -39.80 -3.65 -3.25
N ARG E 6 -40.27 -3.65 -4.48
CA ARG E 6 -41.17 -4.75 -4.93
C ARG E 6 -40.50 -6.06 -5.31
N ASN E 7 -39.17 -6.06 -5.45
CA ASN E 7 -38.43 -7.22 -5.89
C ASN E 7 -37.73 -7.85 -4.70
N GLN E 8 -38.20 -9.05 -4.34
CA GLN E 8 -37.65 -9.79 -3.20
C GLN E 8 -37.50 -11.26 -3.61
N LEU E 9 -36.25 -11.67 -3.82
CA LEU E 9 -35.94 -12.98 -4.40
C LEU E 9 -35.13 -13.84 -3.44
N LYS E 10 -35.74 -14.96 -3.00
CA LYS E 10 -35.07 -15.85 -2.05
C LYS E 10 -34.03 -16.75 -2.70
N GLY E 11 -32.91 -16.95 -2.01
CA GLY E 11 -31.86 -17.80 -2.56
C GLY E 11 -30.85 -18.24 -1.51
N LYS E 12 -29.79 -18.91 -1.96
CA LYS E 12 -28.73 -19.43 -1.11
C LYS E 12 -27.39 -18.83 -1.54
N VAL E 13 -26.53 -18.51 -0.57
CA VAL E 13 -25.25 -17.88 -0.86
C VAL E 13 -24.27 -18.89 -1.47
N VAL E 14 -23.82 -18.61 -2.68
CA VAL E 14 -22.86 -19.48 -3.35
C VAL E 14 -21.51 -18.80 -3.58
N GLY E 15 -21.41 -17.51 -3.26
CA GLY E 15 -20.16 -16.78 -3.42
C GLY E 15 -20.09 -15.61 -2.45
N LEU E 16 -18.89 -15.35 -1.93
CA LEU E 16 -18.67 -14.26 -1.00
C LEU E 16 -17.26 -13.72 -1.16
N LYS E 17 -17.12 -12.40 -1.35
CA LYS E 17 -15.81 -11.81 -1.54
C LYS E 17 -15.76 -10.50 -0.78
N LYS E 18 -14.83 -10.38 0.17
CA LYS E 18 -14.76 -9.21 1.03
C LYS E 18 -13.69 -8.21 0.61
N GLY E 19 -14.08 -6.94 0.49
CA GLY E 19 -13.15 -5.87 0.12
C GLY E 19 -12.64 -5.06 1.30
N VAL E 20 -12.34 -3.78 1.07
CA VAL E 20 -11.95 -2.85 2.14
C VAL E 20 -13.17 -2.04 2.57
N VAL E 21 -13.88 -1.50 1.56
CA VAL E 21 -15.11 -0.73 1.79
C VAL E 21 -16.36 -1.53 1.40
N THR E 22 -16.32 -2.24 0.28
CA THR E 22 -17.46 -3.05 -0.18
C THR E 22 -17.20 -4.53 -0.06
N ALA E 23 -18.25 -5.30 -0.35
CA ALA E 23 -18.20 -6.77 -0.38
C ALA E 23 -19.20 -7.24 -1.43
N GLU E 24 -18.90 -8.38 -2.07
CA GLU E 24 -19.77 -8.98 -3.10
C GLU E 24 -20.42 -10.26 -2.58
N VAL E 25 -21.74 -10.36 -2.73
CA VAL E 25 -22.52 -11.54 -2.33
C VAL E 25 -23.22 -12.09 -3.58
N VAL E 26 -23.04 -13.39 -3.88
CA VAL E 26 -23.74 -14.02 -5.01
C VAL E 26 -24.75 -15.04 -4.48
N LEU E 27 -26.01 -14.92 -4.89
CA LEU E 27 -27.09 -15.81 -4.46
C LEU E 27 -27.65 -16.64 -5.60
N GLU E 28 -27.88 -17.93 -5.37
CA GLU E 28 -28.50 -18.75 -6.39
C GLU E 28 -29.99 -18.78 -6.10
N ILE E 29 -30.83 -18.36 -7.05
CA ILE E 29 -32.28 -18.35 -6.83
C ILE E 29 -33.00 -19.38 -7.70
N ALA E 30 -34.32 -19.29 -7.80
CA ALA E 30 -35.10 -20.22 -8.65
C ALA E 30 -34.59 -20.31 -10.10
N GLY E 31 -34.59 -21.52 -10.67
CA GLY E 31 -34.15 -21.69 -12.05
C GLY E 31 -32.65 -21.72 -12.20
N GLY E 32 -31.95 -21.52 -11.08
CA GLY E 32 -30.50 -21.55 -11.08
C GLY E 32 -29.84 -20.24 -11.47
N ASN E 33 -30.63 -19.18 -11.58
CA ASN E 33 -30.08 -17.89 -11.94
C ASN E 33 -29.29 -17.39 -10.75
N LYS E 34 -28.30 -16.56 -11.03
CA LYS E 34 -27.43 -16.05 -10.01
C LYS E 34 -27.66 -14.55 -9.90
N ILE E 35 -27.86 -14.09 -8.66
CA ILE E 35 -27.98 -12.66 -8.37
C ILE E 35 -26.69 -12.19 -7.69
N THR E 36 -26.10 -11.11 -8.20
CA THR E 36 -24.87 -10.53 -7.65
C THR E 36 -25.19 -9.18 -6.99
N SER E 37 -24.75 -9.04 -5.74
CA SER E 37 -24.98 -7.84 -4.93
C SER E 37 -23.66 -7.25 -4.44
N ILE E 38 -23.50 -5.92 -4.55
CA ILE E 38 -22.31 -5.27 -3.98
C ILE E 38 -22.83 -4.30 -2.92
N ILE E 39 -22.50 -4.57 -1.66
CA ILE E 39 -22.95 -3.79 -0.51
C ILE E 39 -21.75 -3.42 0.37
N SER E 40 -21.98 -2.78 1.52
CA SER E 40 -20.86 -2.43 2.40
C SER E 40 -20.28 -3.65 3.11
N LEU E 41 -18.97 -3.60 3.36
CA LEU E 41 -18.33 -4.64 4.15
C LEU E 41 -18.98 -4.68 5.55
N ASP E 42 -19.25 -3.50 6.12
CA ASP E 42 -19.88 -3.44 7.45
C ASP E 42 -21.21 -4.23 7.53
N SER E 43 -22.06 -4.11 6.53
CA SER E 43 -23.33 -4.85 6.54
C SER E 43 -23.14 -6.35 6.36
N VAL E 44 -22.18 -6.75 5.52
CA VAL E 44 -21.93 -8.20 5.35
C VAL E 44 -21.50 -8.80 6.67
N GLU E 45 -20.67 -8.07 7.40
CA GLU E 45 -20.19 -8.58 8.68
C GLU E 45 -21.28 -8.60 9.74
N GLU E 46 -22.01 -7.50 9.87
CA GLU E 46 -23.08 -7.39 10.85
C GLU E 46 -24.23 -8.38 10.65
N LEU E 47 -24.51 -8.74 9.39
CA LEU E 47 -25.59 -9.66 9.10
C LEU E 47 -25.10 -11.10 9.16
N GLY E 48 -23.79 -11.26 9.33
CA GLY E 48 -23.16 -12.57 9.40
C GLY E 48 -23.25 -13.41 8.14
N VAL E 49 -23.22 -12.76 6.98
CA VAL E 49 -23.28 -13.50 5.73
C VAL E 49 -22.19 -14.57 5.58
N LYS E 50 -22.61 -15.78 5.19
CA LYS E 50 -21.69 -16.90 5.01
C LYS E 50 -22.11 -17.82 3.87
N GLU E 51 -21.14 -18.53 3.30
CA GLU E 51 -21.43 -19.47 2.22
C GLU E 51 -22.49 -20.47 2.65
N GLY E 52 -23.49 -20.67 1.81
CA GLY E 52 -24.57 -21.58 2.13
C GLY E 52 -25.76 -20.98 2.88
N ALA E 53 -25.65 -19.75 3.37
CA ALA E 53 -26.78 -19.19 4.12
C ALA E 53 -27.95 -18.87 3.21
N GLU E 54 -29.17 -18.92 3.78
CA GLU E 54 -30.37 -18.62 3.02
C GLU E 54 -30.78 -17.18 3.28
N LEU E 55 -30.67 -16.35 2.24
CA LEU E 55 -30.95 -14.91 2.33
C LEU E 55 -31.86 -14.46 1.19
N THR E 56 -32.27 -13.19 1.20
CA THR E 56 -33.15 -12.64 0.16
C THR E 56 -32.54 -11.44 -0.52
N ALA E 57 -32.57 -11.41 -1.86
CA ALA E 57 -32.05 -10.26 -2.59
C ALA E 57 -33.20 -9.27 -2.77
N VAL E 58 -32.94 -7.98 -2.54
CA VAL E 58 -33.97 -6.95 -2.63
C VAL E 58 -33.59 -5.82 -3.61
N VAL E 59 -34.52 -5.47 -4.51
CA VAL E 59 -34.23 -4.44 -5.52
C VAL E 59 -35.40 -3.47 -5.69
N LYS E 60 -35.11 -2.16 -5.66
CA LYS E 60 -36.17 -1.16 -5.89
C LYS E 60 -36.62 -1.17 -7.36
N SER E 61 -37.93 -1.05 -7.62
CA SER E 61 -38.46 -1.12 -8.99
C SER E 61 -37.85 -0.12 -9.98
N THR E 62 -37.52 1.07 -9.48
CA THR E 62 -36.96 2.13 -10.32
C THR E 62 -35.51 1.85 -10.76
N ASP E 63 -34.93 0.75 -10.24
CA ASP E 63 -33.56 0.36 -10.61
C ASP E 63 -33.53 -0.81 -11.62
N VAL E 64 -34.72 -1.26 -12.05
CA VAL E 64 -34.81 -2.39 -13.00
C VAL E 64 -35.04 -1.93 -14.45
N MET E 65 -34.14 -2.33 -15.35
CA MET E 65 -34.24 -2.04 -16.76
C MET E 65 -34.85 -3.23 -17.52
N ILE E 66 -35.32 -2.95 -18.72
CA ILE E 66 -35.85 -3.98 -19.62
C ILE E 66 -35.01 -4.11 -20.90
N LEU E 67 -34.65 -5.34 -21.25
CA LEU E 67 -33.84 -5.63 -22.42
C LEU E 67 -34.73 -6.38 -23.39
N ALA E 68 -34.99 -5.77 -24.54
CA ALA E 68 -35.92 -6.37 -25.51
C ALA E 68 -35.34 -6.48 -26.88
N SER F 2 -31.84 -4.50 -27.59
CA SER F 2 -31.99 -3.06 -27.22
C SER F 2 -32.42 -2.92 -25.77
N ILE F 3 -31.79 -2.01 -25.02
CA ILE F 3 -32.11 -1.88 -23.60
C ILE F 3 -32.85 -0.56 -23.32
N SER F 4 -33.71 -0.55 -22.29
CA SER F 4 -34.53 0.64 -21.94
C SER F 4 -33.74 1.89 -21.51
N ALA F 5 -32.55 1.67 -20.96
CA ALA F 5 -31.72 2.76 -20.46
C ALA F 5 -31.46 3.77 -21.57
N ARG F 6 -31.93 5.00 -21.41
CA ARG F 6 -31.95 5.97 -22.50
C ARG F 6 -30.63 6.67 -22.82
N ASN F 7 -29.64 6.53 -21.95
CA ASN F 7 -28.42 7.31 -22.08
C ASN F 7 -27.33 6.33 -22.46
N GLN F 8 -26.79 6.50 -23.66
CA GLN F 8 -25.76 5.60 -24.18
C GLN F 8 -24.71 6.43 -24.91
N LEU F 9 -23.53 6.55 -24.32
CA LEU F 9 -22.49 7.45 -24.80
C LEU F 9 -21.20 6.75 -25.12
N LYS F 10 -20.77 6.87 -26.38
CA LYS F 10 -19.57 6.22 -26.90
C LYS F 10 -18.30 6.98 -26.55
N GLY F 11 -17.27 6.25 -26.16
CA GLY F 11 -16.01 6.88 -25.77
C GLY F 11 -14.83 5.91 -25.79
N LYS F 12 -13.66 6.41 -25.41
CA LYS F 12 -12.41 5.63 -25.41
C LYS F 12 -11.89 5.53 -23.98
N VAL F 13 -11.43 4.35 -23.56
CA VAL F 13 -10.90 4.23 -22.21
C VAL F 13 -9.59 4.99 -22.00
N VAL F 14 -9.62 5.94 -21.07
CA VAL F 14 -8.45 6.71 -20.71
C VAL F 14 -7.95 6.45 -19.26
N GLY F 15 -8.70 5.68 -18.46
CA GLY F 15 -8.29 5.42 -17.07
C GLY F 15 -8.92 4.11 -16.63
N LEU F 16 -8.18 3.33 -15.83
CA LEU F 16 -8.65 2.04 -15.35
C LEU F 16 -7.95 1.73 -14.03
N LYS F 17 -8.73 1.45 -12.98
CA LYS F 17 -8.17 1.12 -11.66
C LYS F 17 -8.90 -0.09 -11.06
N LYS F 18 -8.17 -1.16 -10.78
CA LYS F 18 -8.79 -2.40 -10.30
C LYS F 18 -8.68 -2.57 -8.78
N GLY F 19 -9.82 -2.64 -8.08
CA GLY F 19 -9.80 -2.87 -6.65
C GLY F 19 -9.91 -4.34 -6.28
N VAL F 20 -10.49 -4.64 -5.11
CA VAL F 20 -10.69 -6.02 -4.67
C VAL F 20 -12.07 -6.50 -5.14
N VAL F 21 -13.08 -5.64 -4.94
CA VAL F 21 -14.49 -5.92 -5.29
C VAL F 21 -15.00 -5.08 -6.46
N THR F 22 -14.60 -3.81 -6.51
CA THR F 22 -15.03 -2.89 -7.58
C THR F 22 -13.86 -2.46 -8.45
N ALA F 23 -14.20 -1.78 -9.53
CA ALA F 23 -13.20 -1.21 -10.44
C ALA F 23 -13.71 0.08 -11.02
N GLU F 24 -12.81 1.01 -11.31
CA GLU F 24 -13.16 2.29 -11.91
C GLU F 24 -12.72 2.40 -13.39
N VAL F 25 -13.66 2.71 -14.27
CA VAL F 25 -13.39 2.92 -15.72
C VAL F 25 -13.66 4.38 -16.06
N VAL F 26 -12.70 5.07 -16.67
CA VAL F 26 -12.90 6.46 -17.09
C VAL F 26 -12.88 6.49 -18.63
N LEU F 27 -13.97 7.03 -19.21
CA LEU F 27 -14.10 7.19 -20.67
C LEU F 27 -14.07 8.65 -21.13
N GLU F 28 -13.37 8.87 -22.25
CA GLU F 28 -13.38 10.19 -22.89
C GLU F 28 -14.42 10.12 -24.01
N ILE F 29 -15.46 10.93 -23.92
CA ILE F 29 -16.51 10.92 -24.96
C ILE F 29 -16.45 12.20 -25.79
N ALA F 30 -17.44 12.43 -26.67
CA ALA F 30 -17.43 13.63 -27.52
C ALA F 30 -17.22 14.94 -26.76
N GLY F 31 -16.43 15.85 -27.35
CA GLY F 31 -16.21 17.17 -26.79
C GLY F 31 -15.13 17.22 -25.72
N GLY F 32 -14.59 16.05 -25.39
CA GLY F 32 -13.58 15.98 -24.35
C GLY F 32 -14.17 15.59 -22.97
N ASN F 33 -15.49 15.51 -22.89
CA ASN F 33 -16.12 15.17 -21.61
C ASN F 33 -15.55 13.85 -21.08
N LYS F 34 -15.51 13.67 -19.76
CA LYS F 34 -15.00 12.41 -19.21
C LYS F 34 -16.10 11.75 -18.38
N ILE F 35 -16.35 10.46 -18.62
CA ILE F 35 -17.36 9.72 -17.87
C ILE F 35 -16.67 8.75 -16.93
N THR F 36 -17.05 8.76 -15.66
CA THR F 36 -16.49 7.84 -14.67
C THR F 36 -17.52 6.80 -14.23
N SER F 37 -17.13 5.54 -14.28
CA SER F 37 -18.01 4.43 -13.93
C SER F 37 -17.37 3.56 -12.84
N ILE F 38 -18.14 3.18 -11.82
CA ILE F 38 -17.67 2.22 -10.83
C ILE F 38 -18.60 1.01 -10.92
N ILE F 39 -18.01 -0.14 -11.30
CA ILE F 39 -18.69 -1.42 -11.54
C ILE F 39 -17.95 -2.55 -10.84
N SER F 40 -18.41 -3.79 -11.01
CA SER F 40 -17.71 -4.91 -10.39
C SER F 40 -16.37 -5.24 -11.08
N LEU F 41 -15.39 -5.67 -10.29
CA LEU F 41 -14.12 -6.14 -10.82
C LEU F 41 -14.40 -7.32 -11.76
N ASP F 42 -15.32 -8.19 -11.37
CA ASP F 42 -15.62 -9.35 -12.23
C ASP F 42 -16.03 -8.94 -13.64
N SER F 43 -16.88 -7.91 -13.76
CA SER F 43 -17.32 -7.48 -15.08
C SER F 43 -16.20 -6.82 -15.88
N VAL F 44 -15.29 -6.17 -15.19
CA VAL F 44 -14.20 -5.51 -15.86
C VAL F 44 -13.24 -6.55 -16.46
N GLU F 45 -13.15 -7.70 -15.80
CA GLU F 45 -12.29 -8.80 -16.27
C GLU F 45 -12.99 -9.63 -17.36
N GLU F 46 -14.26 -9.95 -17.18
CA GLU F 46 -14.99 -10.72 -18.20
C GLU F 46 -15.16 -9.95 -19.50
N LEU F 47 -15.26 -8.63 -19.39
CA LEU F 47 -15.40 -7.81 -20.59
C LEU F 47 -14.07 -7.50 -21.28
N GLY F 48 -12.96 -7.70 -20.57
CA GLY F 48 -11.63 -7.46 -21.10
C GLY F 48 -11.35 -5.98 -21.28
N VAL F 49 -11.85 -5.16 -20.36
CA VAL F 49 -11.69 -3.74 -20.47
C VAL F 49 -10.21 -3.38 -20.37
N LYS F 50 -9.76 -2.54 -21.27
CA LYS F 50 -8.37 -2.14 -21.27
C LYS F 50 -8.26 -0.73 -21.79
N GLU F 51 -7.22 -0.04 -21.35
CA GLU F 51 -6.95 1.32 -21.77
C GLU F 51 -6.88 1.39 -23.29
N GLY F 52 -7.53 2.38 -23.87
CA GLY F 52 -7.56 2.53 -25.32
C GLY F 52 -8.74 1.88 -26.02
N ALA F 53 -9.45 0.99 -25.32
CA ALA F 53 -10.61 0.31 -25.88
C ALA F 53 -11.78 1.27 -26.11
N GLU F 54 -12.58 0.95 -27.13
CA GLU F 54 -13.76 1.72 -27.48
C GLU F 54 -15.00 1.05 -26.92
N LEU F 55 -15.61 1.68 -25.90
CA LEU F 55 -16.80 1.13 -25.26
C LEU F 55 -17.90 2.19 -25.11
N THR F 56 -19.03 1.83 -24.50
CA THR F 56 -20.12 2.79 -24.34
C THR F 56 -20.53 2.84 -22.86
N ALA F 57 -20.77 4.04 -22.34
CA ALA F 57 -21.31 4.26 -20.98
C ALA F 57 -22.83 4.21 -21.07
N VAL F 58 -23.48 3.50 -20.15
CA VAL F 58 -24.95 3.41 -20.12
C VAL F 58 -25.48 3.89 -18.74
N VAL F 59 -26.52 4.72 -18.80
CA VAL F 59 -27.11 5.26 -17.55
C VAL F 59 -28.64 5.29 -17.67
N LYS F 60 -29.32 4.73 -16.67
CA LYS F 60 -30.80 4.75 -16.60
C LYS F 60 -31.32 6.19 -16.36
N SER F 61 -32.42 6.56 -17.01
CA SER F 61 -32.97 7.95 -16.91
C SER F 61 -33.31 8.39 -15.49
N THR F 62 -33.80 7.44 -14.69
CA THR F 62 -34.18 7.73 -13.31
C THR F 62 -32.98 8.00 -12.38
N ASP F 63 -31.77 7.82 -12.88
CA ASP F 63 -30.56 8.11 -12.10
C ASP F 63 -29.89 9.45 -12.46
N VAL F 64 -30.45 10.18 -13.41
CA VAL F 64 -29.86 11.45 -13.83
C VAL F 64 -30.53 12.64 -13.16
N MET F 65 -29.74 13.46 -12.48
CA MET F 65 -30.26 14.66 -11.83
C MET F 65 -29.99 15.90 -12.69
N ILE F 66 -30.64 17.00 -12.36
CA ILE F 66 -30.46 18.25 -13.12
C ILE F 66 -29.90 19.32 -12.18
N LEU F 67 -28.85 20.02 -12.64
CA LEU F 67 -28.21 21.08 -11.84
C LEU F 67 -28.40 22.42 -12.57
N ALA F 68 -28.97 23.38 -11.88
CA ALA F 68 -29.20 24.69 -12.47
C ALA F 68 -29.89 25.71 -11.60
#